data_7N3R
#
_entry.id   7N3R
#
_cell.length_a   53.072
_cell.length_b   70.865
_cell.length_c   159.803
_cell.angle_alpha   90.000
_cell.angle_beta   90.000
_cell.angle_gamma   90.000
#
_symmetry.space_group_name_H-M   'P 21 21 21'
#
loop_
_entity.id
_entity.type
_entity.pdbx_description
1 polymer 'Bisphosphoglycerate mutase'
2 non-polymer '3-PHOSPHOGLYCERIC ACID'
3 non-polymer '2-PHOSPHOGLYCOLIC ACID'
4 water water
#
_entity_poly.entity_id   1
_entity_poly.type   'polypeptide(L)'
_entity_poly.pdbx_seq_one_letter_code
;MSKYKLIMLRHGEGAWNKENRFCSWVDQKLNSEGMEEARNCGKQLKALNFEFDLVFTSVLNRSIHTAWLILEELGQEWVP
VESSWRLNERHYGALIGLNREQMALNHGEEQVRLWRRSYNVTPPPIEESHPYYQEIYNDRRYKVCDVPLDQLPRSESLKD
VLERLLPYWNERIAPEVLRGKTILISAHGNSSRALLKHLEGISDEDIINITLPTGVPILLELDENLRAVGPHQFLGDQEA
IQAAIKKVEDQGKVKQAKKLEHHHHHH
;
_entity_poly.pdbx_strand_id   A,B
#
loop_
_chem_comp.id
_chem_comp.type
_chem_comp.name
_chem_comp.formula
3PG non-polymer '3-PHOSPHOGLYCERIC ACID' 'C3 H7 O7 P'
PGA non-polymer '2-PHOSPHOGLYCOLIC ACID' 'C2 H5 O6 P'
#
# COMPACT_ATOMS: atom_id res chain seq x y z
N SER A 2 -23.57 -14.77 9.54
CA SER A 2 -24.21 -13.47 9.41
C SER A 2 -24.17 -12.96 7.97
N LYS A 3 -24.80 -11.81 7.74
CA LYS A 3 -24.66 -11.10 6.47
C LYS A 3 -23.27 -10.49 6.36
N TYR A 4 -22.81 -10.38 5.13
CA TYR A 4 -21.49 -9.85 4.84
C TYR A 4 -21.60 -8.80 3.76
N LYS A 5 -20.68 -7.81 3.78
CA LYS A 5 -20.68 -6.73 2.77
C LYS A 5 -19.24 -6.37 2.40
N LEU A 6 -18.93 -6.33 1.09
CA LEU A 6 -17.58 -5.99 0.64
C LEU A 6 -17.66 -5.09 -0.58
N ILE A 7 -16.60 -4.33 -0.80
CA ILE A 7 -16.49 -3.42 -1.91
C ILE A 7 -15.45 -3.97 -2.87
N MET A 8 -15.79 -3.98 -4.15
CA MET A 8 -14.87 -4.29 -5.22
C MET A 8 -14.90 -3.11 -6.20
N LEU A 9 -13.80 -2.87 -6.91
CA LEU A 9 -13.83 -1.83 -7.94
C LEU A 9 -12.68 -2.07 -8.90
N ARG A 10 -12.81 -1.48 -10.10
CA ARG A 10 -11.73 -1.43 -11.07
C ARG A 10 -11.18 -0.01 -11.16
N HIS A 11 -9.89 0.08 -11.44
CA HIS A 11 -9.22 1.37 -11.44
C HIS A 11 -9.67 2.22 -12.62
N GLY A 12 -9.28 3.49 -12.58
CA GLY A 12 -9.51 4.41 -13.67
C GLY A 12 -8.45 4.31 -14.76
N GLU A 13 -8.42 5.35 -15.57
CA GLU A 13 -7.78 5.37 -16.87
C GLU A 13 -6.31 5.75 -16.82
N GLY A 14 -5.57 5.24 -17.80
CA GLY A 14 -4.22 5.67 -18.11
C GLY A 14 -4.07 5.93 -19.59
N ALA A 15 -2.82 6.14 -20.06
CA ALA A 15 -2.57 6.53 -21.44
C ALA A 15 -3.22 5.60 -22.46
N TRP A 16 -2.98 4.29 -22.33
CA TRP A 16 -3.52 3.35 -23.32
C TRP A 16 -5.03 3.29 -23.32
N ASN A 17 -5.69 3.73 -22.24
CA ASN A 17 -7.15 3.84 -22.29
C ASN A 17 -7.56 4.98 -23.20
N LYS A 18 -6.83 6.10 -23.13
CA LYS A 18 -7.05 7.18 -24.08
C LYS A 18 -6.88 6.69 -25.51
N GLU A 19 -5.80 5.94 -25.77
CA GLU A 19 -5.50 5.39 -27.09
C GLU A 19 -6.37 4.19 -27.46
N ASN A 20 -7.23 3.74 -26.54
CA ASN A 20 -8.14 2.62 -26.78
C ASN A 20 -7.37 1.37 -27.16
N ARG A 21 -6.39 1.03 -26.32
CA ARG A 21 -5.57 -0.16 -26.51
C ARG A 21 -5.82 -1.18 -25.40
N PHE A 22 -5.66 -2.45 -25.76
CA PHE A 22 -5.71 -3.52 -24.78
C PHE A 22 -4.48 -3.42 -23.87
N CYS A 23 -4.73 -3.29 -22.57
CA CYS A 23 -3.67 -3.10 -21.59
C CYS A 23 -3.21 -4.41 -20.94
N SER A 24 -4.15 -5.14 -20.33
CA SER A 24 -3.92 -6.50 -19.78
C SER A 24 -2.68 -6.45 -18.87
N TRP A 25 -1.73 -7.36 -19.03
CA TRP A 25 -0.63 -7.49 -18.07
C TRP A 25 0.49 -6.47 -18.24
N VAL A 26 0.44 -5.62 -19.27
CA VAL A 26 1.42 -4.54 -19.34
C VAL A 26 1.16 -3.57 -18.19
N ASP A 27 2.22 -3.16 -17.50
CA ASP A 27 2.11 -2.46 -16.21
C ASP A 27 2.02 -0.93 -16.39
N GLN A 28 1.01 -0.51 -17.15
CA GLN A 28 0.81 0.92 -17.40
C GLN A 28 0.32 1.65 -16.16
N LYS A 29 0.87 2.85 -15.94
CA LYS A 29 0.50 3.68 -14.80
C LYS A 29 -0.81 4.41 -15.04
N LEU A 30 -1.51 4.73 -13.95
CA LEU A 30 -2.63 5.65 -14.05
C LEU A 30 -2.15 6.97 -14.63
N ASN A 31 -3.03 7.64 -15.34
CA ASN A 31 -2.78 9.04 -15.69
C ASN A 31 -3.51 9.94 -14.69
N SER A 32 -3.45 11.24 -14.95
CA SER A 32 -3.94 12.24 -14.02
C SER A 32 -5.43 12.07 -13.73
N GLU A 33 -6.22 11.70 -14.74
CA GLU A 33 -7.65 11.52 -14.47
C GLU A 33 -7.97 10.17 -13.84
N GLY A 34 -7.16 9.14 -14.13
CA GLY A 34 -7.28 7.92 -13.35
C GLY A 34 -7.04 8.14 -11.87
N MET A 35 -6.04 8.97 -11.53
CA MET A 35 -5.80 9.25 -10.12
C MET A 35 -6.98 9.96 -9.50
N GLU A 36 -7.58 10.91 -10.22
CA GLU A 36 -8.78 11.58 -9.71
C GLU A 36 -9.94 10.59 -9.52
N GLU A 37 -10.11 9.65 -10.44
CA GLU A 37 -11.18 8.65 -10.30
C GLU A 37 -11.05 7.88 -8.99
N ALA A 38 -9.83 7.48 -8.64
CA ALA A 38 -9.57 6.84 -7.36
C ALA A 38 -9.97 7.75 -6.20
N ARG A 39 -9.60 9.02 -6.27
CA ARG A 39 -9.91 9.93 -5.19
C ARG A 39 -11.41 10.11 -5.05
N ASN A 40 -12.13 10.18 -6.18
CA ASN A 40 -13.58 10.26 -6.10
C ASN A 40 -14.19 9.03 -5.44
N CYS A 41 -13.74 7.82 -5.81
CA CYS A 41 -14.17 6.63 -5.08
C CYS A 41 -13.90 6.77 -3.60
N GLY A 42 -12.73 7.26 -3.24
CA GLY A 42 -12.40 7.44 -1.84
C GLY A 42 -13.37 8.36 -1.14
N LYS A 43 -13.64 9.53 -1.74
CA LYS A 43 -14.58 10.48 -1.15
C LYS A 43 -15.97 9.88 -1.02
N GLN A 44 -16.42 9.17 -2.05
CA GLN A 44 -17.71 8.45 -1.94
C GLN A 44 -17.68 7.48 -0.77
N LEU A 45 -16.61 6.69 -0.67
CA LEU A 45 -16.53 5.72 0.41
C LEU A 45 -16.44 6.42 1.77
N LYS A 46 -15.79 7.58 1.83
CA LYS A 46 -15.78 8.31 3.09
C LYS A 46 -17.16 8.86 3.41
N ALA A 47 -17.91 9.30 2.39
CA ALA A 47 -19.24 9.83 2.66
C ALA A 47 -20.15 8.76 3.23
N LEU A 48 -19.93 7.50 2.89
CA LEU A 48 -20.69 6.41 3.47
C LEU A 48 -20.05 5.86 4.74
N ASN A 49 -18.96 6.49 5.22
CA ASN A 49 -18.29 6.14 6.47
C ASN A 49 -17.76 4.71 6.45
N PHE A 50 -17.22 4.29 5.32
CA PHE A 50 -16.64 2.94 5.26
C PHE A 50 -15.36 2.86 6.09
N GLU A 51 -15.18 1.72 6.74
CA GLU A 51 -14.02 1.52 7.61
C GLU A 51 -13.44 0.17 7.24
N PHE A 52 -12.37 0.18 6.45
CA PHE A 52 -11.82 -1.04 5.91
C PHE A 52 -10.85 -1.66 6.90
N ASP A 53 -10.83 -3.01 6.93
CA ASP A 53 -9.86 -3.77 7.73
C ASP A 53 -8.74 -4.38 6.91
N LEU A 54 -8.95 -4.61 5.61
CA LEU A 54 -7.95 -5.20 4.72
C LEU A 54 -8.29 -4.77 3.31
N VAL A 55 -7.24 -4.60 2.50
CA VAL A 55 -7.35 -4.28 1.08
C VAL A 55 -6.58 -5.35 0.29
N PHE A 56 -7.22 -5.89 -0.74
CA PHE A 56 -6.59 -6.80 -1.69
C PHE A 56 -6.54 -6.14 -3.06
N THR A 57 -5.42 -6.37 -3.77
CA THR A 57 -5.07 -5.73 -5.04
C THR A 57 -4.36 -6.74 -5.94
N SER A 58 -4.19 -6.40 -7.23
CA SER A 58 -3.35 -7.19 -8.11
C SER A 58 -1.89 -6.76 -7.92
N VAL A 59 -0.96 -7.28 -8.73
CA VAL A 59 0.41 -6.79 -8.69
C VAL A 59 0.69 -5.77 -9.79
N LEU A 60 -0.32 -5.38 -10.55
CA LEU A 60 -0.17 -4.28 -11.51
C LEU A 60 -0.31 -2.95 -10.78
N ASN A 61 0.60 -2.02 -11.06
CA ASN A 61 0.69 -0.87 -10.16
C ASN A 61 -0.55 0.01 -10.20
N ARG A 62 -1.26 0.03 -11.33
CA ARG A 62 -2.44 0.88 -11.42
C ARG A 62 -3.53 0.45 -10.43
N SER A 63 -3.58 -0.83 -10.06
CA SER A 63 -4.54 -1.25 -9.06
C SER A 63 -4.03 -0.96 -7.63
N ILE A 64 -2.71 -1.01 -7.41
CA ILE A 64 -2.16 -0.67 -6.08
C ILE A 64 -2.30 0.84 -5.81
N HIS A 65 -1.95 1.67 -6.82
CA HIS A 65 -2.04 3.11 -6.67
C HIS A 65 -3.49 3.55 -6.44
N THR A 66 -4.43 2.89 -7.13
CA THR A 66 -5.83 3.14 -6.84
C THR A 66 -6.12 2.86 -5.38
N ALA A 67 -5.62 1.75 -4.86
CA ALA A 67 -5.87 1.44 -3.45
C ALA A 67 -5.19 2.46 -2.52
N TRP A 68 -3.94 2.82 -2.78
CA TRP A 68 -3.29 3.83 -1.93
C TRP A 68 -4.07 5.15 -1.93
N LEU A 69 -4.58 5.57 -3.09
CA LEU A 69 -5.31 6.82 -3.19
C LEU A 69 -6.61 6.77 -2.38
N ILE A 70 -7.32 5.64 -2.42
CA ILE A 70 -8.56 5.53 -1.66
C ILE A 70 -8.28 5.60 -0.16
N LEU A 71 -7.27 4.87 0.31
CA LEU A 71 -6.90 4.89 1.72
C LEU A 71 -6.50 6.30 2.18
N GLU A 72 -5.83 7.06 1.32
CA GLU A 72 -5.45 8.41 1.74
C GLU A 72 -6.68 9.28 1.92
N GLU A 73 -7.63 9.23 0.97
CA GLU A 73 -8.86 9.98 1.16
C GLU A 73 -9.61 9.57 2.42
N LEU A 74 -9.38 8.36 2.92
CA LEU A 74 -10.12 7.86 4.08
C LEU A 74 -9.39 8.10 5.40
N GLY A 75 -8.11 8.50 5.36
CA GLY A 75 -7.32 8.55 6.57
C GLY A 75 -7.08 7.15 7.12
N GLN A 76 -7.00 6.17 6.23
CA GLN A 76 -6.83 4.77 6.58
C GLN A 76 -5.61 4.18 5.88
N GLU A 77 -4.53 4.97 5.78
CA GLU A 77 -3.32 4.47 5.13
C GLU A 77 -2.70 3.31 5.89
N TRP A 78 -3.04 3.14 7.18
CA TRP A 78 -2.51 2.09 8.03
C TRP A 78 -3.17 0.72 7.80
N VAL A 79 -4.23 0.64 7.01
CA VAL A 79 -4.97 -0.63 6.84
C VAL A 79 -4.12 -1.58 5.98
N PRO A 80 -4.00 -2.85 6.35
CA PRO A 80 -3.13 -3.75 5.59
C PRO A 80 -3.54 -3.89 4.13
N VAL A 81 -2.54 -3.90 3.25
CA VAL A 81 -2.71 -4.12 1.82
C VAL A 81 -2.00 -5.42 1.45
N GLU A 82 -2.66 -6.25 0.64
CA GLU A 82 -2.09 -7.51 0.18
C GLU A 82 -2.34 -7.68 -1.32
N SER A 83 -1.29 -8.01 -2.07
CA SER A 83 -1.31 -7.99 -3.52
C SER A 83 -0.96 -9.36 -4.10
N SER A 84 -1.66 -9.75 -5.16
CA SER A 84 -1.42 -11.05 -5.78
C SER A 84 -1.69 -10.97 -7.28
N TRP A 85 -0.81 -11.62 -8.06
CA TRP A 85 -1.04 -11.77 -9.49
C TRP A 85 -2.36 -12.46 -9.79
N ARG A 86 -2.90 -13.22 -8.83
CA ARG A 86 -4.16 -13.89 -9.05
C ARG A 86 -5.31 -12.91 -9.27
N LEU A 87 -5.15 -11.64 -8.89
CA LEU A 87 -6.14 -10.62 -9.19
C LEU A 87 -5.82 -9.81 -10.46
N ASN A 88 -4.75 -10.16 -11.18
CA ASN A 88 -4.38 -9.44 -12.40
C ASN A 88 -5.54 -9.42 -13.38
N GLU A 89 -5.60 -8.34 -14.15
CA GLU A 89 -6.41 -8.31 -15.36
C GLU A 89 -6.16 -9.56 -16.21
N ARG A 90 -7.18 -9.91 -16.99
CA ARG A 90 -7.10 -11.03 -17.91
C ARG A 90 -5.95 -10.85 -18.90
N HIS A 91 -5.17 -11.91 -19.10
CA HIS A 91 -4.07 -11.87 -20.07
C HIS A 91 -4.61 -11.95 -21.48
N TYR A 92 -4.38 -10.89 -22.26
CA TYR A 92 -5.00 -10.78 -23.57
C TYR A 92 -4.12 -11.29 -24.72
N GLY A 93 -3.06 -12.04 -24.41
CA GLY A 93 -2.21 -12.64 -25.45
C GLY A 93 -1.70 -11.63 -26.46
N ALA A 94 -1.85 -11.97 -27.75
CA ALA A 94 -1.34 -11.17 -28.85
C ALA A 94 -2.19 -9.95 -29.14
N LEU A 95 -3.32 -9.79 -28.46
CA LEU A 95 -4.09 -8.57 -28.63
C LEU A 95 -3.55 -7.43 -27.77
N ILE A 96 -2.55 -7.70 -26.94
CA ILE A 96 -2.01 -6.69 -26.03
C ILE A 96 -1.34 -5.58 -26.84
N GLY A 97 -1.81 -4.34 -26.66
CA GLY A 97 -1.23 -3.19 -27.30
C GLY A 97 -1.91 -2.76 -28.58
N LEU A 98 -2.85 -3.57 -29.09
CA LEU A 98 -3.59 -3.25 -30.29
C LEU A 98 -4.77 -2.35 -29.99
N ASN A 99 -5.18 -1.58 -30.99
CA ASN A 99 -6.35 -0.71 -30.85
C ASN A 99 -7.64 -1.51 -31.00
N ARG A 100 -8.61 -1.23 -30.14
CA ARG A 100 -9.87 -1.99 -30.15
C ARG A 100 -10.73 -1.65 -31.37
N GLU A 101 -10.92 -0.36 -31.64
CA GLU A 101 -11.81 0.01 -32.74
C GLU A 101 -11.21 -0.41 -34.07
N GLN A 102 -9.89 -0.50 -34.16
CA GLN A 102 -9.26 -1.04 -35.35
C GLN A 102 -9.51 -2.53 -35.49
N MET A 103 -9.41 -3.28 -34.37
CA MET A 103 -9.80 -4.69 -34.40
C MET A 103 -11.23 -4.85 -34.90
N ALA A 104 -12.14 -4.01 -34.39
CA ALA A 104 -13.53 -4.07 -34.81
C ALA A 104 -13.67 -3.84 -36.31
N LEU A 105 -12.74 -3.08 -36.89
CA LEU A 105 -12.70 -2.90 -38.34
C LEU A 105 -12.20 -4.18 -39.03
N ASN A 106 -11.06 -4.71 -38.60
CA ASN A 106 -10.48 -5.85 -39.31
C ASN A 106 -11.28 -7.13 -39.12
N HIS A 107 -12.14 -7.21 -38.11
CA HIS A 107 -12.81 -8.48 -37.85
C HIS A 107 -14.28 -8.33 -37.51
N GLY A 108 -14.81 -7.12 -37.55
CA GLY A 108 -16.21 -6.93 -37.18
C GLY A 108 -16.37 -6.58 -35.72
N GLU A 109 -17.41 -5.79 -35.45
CA GLU A 109 -17.76 -5.44 -34.07
C GLU A 109 -18.02 -6.69 -33.24
N GLU A 110 -18.46 -7.75 -33.89
CA GLU A 110 -18.97 -8.89 -33.15
C GLU A 110 -17.90 -9.92 -32.80
N GLN A 111 -16.85 -10.03 -33.62
CA GLN A 111 -15.69 -10.82 -33.19
C GLN A 111 -14.99 -10.15 -32.02
N VAL A 112 -15.04 -8.83 -31.96
CA VAL A 112 -14.39 -8.08 -30.91
C VAL A 112 -15.13 -8.27 -29.60
N ARG A 113 -16.45 -8.14 -29.64
CA ARG A 113 -17.28 -8.37 -28.46
C ARG A 113 -17.05 -9.76 -27.87
N LEU A 114 -16.92 -10.77 -28.73
CA LEU A 114 -16.71 -12.12 -28.25
C LEU A 114 -15.33 -12.28 -27.61
N TRP A 115 -14.31 -11.66 -28.19
CA TRP A 115 -12.97 -11.69 -27.59
C TRP A 115 -12.95 -11.02 -26.22
N ARG A 116 -13.71 -9.93 -26.05
CA ARG A 116 -13.66 -9.13 -24.83
C ARG A 116 -14.52 -9.74 -23.72
N ARG A 117 -15.75 -10.15 -24.04
CA ARG A 117 -16.75 -10.41 -23.02
C ARG A 117 -17.17 -11.86 -22.91
N SER A 118 -16.73 -12.75 -23.79
CA SER A 118 -17.24 -14.10 -23.69
C SER A 118 -16.46 -14.90 -22.65
N TYR A 119 -17.08 -15.97 -22.17
CA TYR A 119 -16.52 -16.69 -21.04
C TYR A 119 -15.42 -17.65 -21.46
N ASN A 120 -15.49 -18.17 -22.68
CA ASN A 120 -14.74 -19.37 -23.02
C ASN A 120 -13.68 -19.21 -24.09
N VAL A 121 -13.77 -18.22 -24.96
CA VAL A 121 -12.82 -18.11 -26.07
C VAL A 121 -11.49 -17.53 -25.56
N THR A 122 -10.41 -18.19 -25.91
CA THR A 122 -9.05 -17.84 -25.51
C THR A 122 -8.41 -16.95 -26.57
N PRO A 123 -7.77 -15.85 -26.18
CA PRO A 123 -7.08 -15.01 -27.18
C PRO A 123 -5.91 -15.73 -27.78
N PRO A 124 -5.45 -15.31 -28.96
CA PRO A 124 -4.16 -15.80 -29.48
C PRO A 124 -3.08 -15.64 -28.42
N PRO A 125 -2.26 -16.65 -28.20
CA PRO A 125 -1.18 -16.50 -27.22
C PRO A 125 -0.24 -15.37 -27.60
N ILE A 126 0.42 -14.82 -26.59
CA ILE A 126 1.47 -13.83 -26.79
C ILE A 126 2.77 -14.56 -27.12
N GLU A 127 3.46 -14.10 -28.17
CA GLU A 127 4.66 -14.78 -28.64
C GLU A 127 5.91 -13.95 -28.35
N GLU A 128 7.06 -14.64 -28.33
CA GLU A 128 8.32 -14.00 -27.97
C GLU A 128 8.63 -12.76 -28.80
N SER A 129 8.01 -12.60 -29.96
CA SER A 129 8.24 -11.39 -30.76
C SER A 129 7.41 -10.20 -30.31
N HIS A 130 6.54 -10.34 -29.32
CA HIS A 130 5.75 -9.20 -28.87
C HIS A 130 6.67 -8.16 -28.25
N PRO A 131 6.48 -6.88 -28.55
CA PRO A 131 7.36 -5.85 -27.97
C PRO A 131 7.37 -5.80 -26.45
N TYR A 132 6.39 -6.42 -25.77
CA TYR A 132 6.33 -6.35 -24.31
C TYR A 132 6.45 -7.73 -23.66
N TYR A 133 6.83 -8.76 -24.42
CA TYR A 133 6.98 -10.10 -23.87
C TYR A 133 7.98 -10.13 -22.72
N GLN A 134 9.21 -9.66 -22.96
CA GLN A 134 10.24 -9.80 -21.94
C GLN A 134 9.96 -8.89 -20.74
N GLU A 135 9.45 -7.69 -21.00
CA GLU A 135 9.09 -6.79 -19.91
C GLU A 135 8.09 -7.45 -18.96
N ILE A 136 7.16 -8.25 -19.50
CA ILE A 136 6.20 -8.93 -18.64
C ILE A 136 6.88 -10.07 -17.90
N TYR A 137 7.37 -11.07 -18.64
CA TYR A 137 7.76 -12.34 -18.05
C TYR A 137 9.10 -12.34 -17.32
N ASN A 138 9.97 -11.36 -17.56
CA ASN A 138 11.15 -11.26 -16.72
C ASN A 138 10.93 -10.46 -15.44
N ASP A 139 9.76 -9.86 -15.28
CA ASP A 139 9.55 -8.95 -14.15
C ASP A 139 9.60 -9.71 -12.82
N ARG A 140 10.45 -9.22 -11.91
CA ARG A 140 10.73 -9.89 -10.62
C ARG A 140 9.45 -10.15 -9.81
N ARG A 141 8.42 -9.32 -9.97
CA ARG A 141 7.17 -9.53 -9.23
C ARG A 141 6.53 -10.88 -9.57
N TYR A 142 6.87 -11.52 -10.69
CA TYR A 142 6.23 -12.76 -11.08
C TYR A 142 7.02 -13.99 -10.69
N LYS A 143 8.02 -13.84 -9.83
CA LYS A 143 8.74 -14.99 -9.30
C LYS A 143 8.10 -15.46 -8.00
N VAL A 144 8.14 -14.61 -6.97
CA VAL A 144 7.81 -14.88 -5.57
C VAL A 144 6.58 -15.73 -5.26
N CYS A 145 6.18 -16.67 -6.12
CA CYS A 145 4.84 -17.20 -5.90
C CYS A 145 4.64 -18.71 -5.95
N ASP A 146 3.44 -19.08 -6.37
CA ASP A 146 2.88 -20.42 -6.33
C ASP A 146 3.01 -21.16 -7.65
N VAL A 147 3.69 -20.58 -8.63
CA VAL A 147 3.74 -21.15 -9.96
C VAL A 147 5.07 -20.79 -10.62
N PRO A 148 5.78 -21.73 -11.22
CA PRO A 148 7.03 -21.35 -11.91
C PRO A 148 6.74 -20.39 -13.05
N LEU A 149 7.72 -19.53 -13.34
CA LEU A 149 7.57 -18.53 -14.39
C LEU A 149 7.14 -19.16 -15.71
N ASP A 150 7.58 -20.38 -15.99
CA ASP A 150 7.22 -21.04 -17.24
C ASP A 150 5.75 -21.48 -17.25
N GLN A 151 5.13 -21.69 -16.08
CA GLN A 151 3.74 -22.09 -16.08
C GLN A 151 2.79 -20.90 -15.93
N LEU A 152 3.30 -19.68 -15.96
CA LEU A 152 2.44 -18.52 -16.06
C LEU A 152 1.71 -18.54 -17.40
N PRO A 153 0.52 -17.95 -17.48
CA PRO A 153 -0.21 -17.98 -18.75
C PRO A 153 0.39 -17.03 -19.77
N ARG A 154 0.07 -17.33 -21.04
CA ARG A 154 0.44 -16.51 -22.17
C ARG A 154 -0.79 -15.95 -22.86
N SER A 155 -1.97 -16.31 -22.39
CA SER A 155 -3.28 -15.76 -22.76
C SER A 155 -4.29 -16.51 -21.91
N GLU A 156 -5.47 -15.91 -21.75
CA GLU A 156 -6.46 -16.40 -20.79
C GLU A 156 -7.86 -16.15 -21.31
N SER A 157 -8.70 -17.16 -21.27
CA SER A 157 -10.14 -16.92 -21.34
C SER A 157 -10.66 -16.43 -19.98
N LEU A 158 -11.86 -15.85 -19.98
CA LEU A 158 -12.48 -15.51 -18.71
C LEU A 158 -12.49 -16.73 -17.81
N LYS A 159 -12.75 -17.91 -18.38
CA LYS A 159 -12.73 -19.14 -17.61
C LYS A 159 -11.38 -19.38 -16.96
N ASP A 160 -10.28 -19.15 -17.72
CA ASP A 160 -8.95 -19.29 -17.14
C ASP A 160 -8.74 -18.32 -15.98
N VAL A 161 -9.25 -17.09 -16.13
CA VAL A 161 -9.13 -16.12 -15.04
C VAL A 161 -9.78 -16.68 -13.78
N LEU A 162 -11.03 -17.12 -13.89
CA LEU A 162 -11.74 -17.63 -12.72
C LEU A 162 -10.96 -18.75 -12.04
N GLU A 163 -10.32 -19.61 -12.84
CA GLU A 163 -9.65 -20.78 -12.28
C GLU A 163 -8.37 -20.43 -11.54
N ARG A 164 -7.69 -19.33 -11.88
CA ARG A 164 -6.57 -18.96 -11.05
C ARG A 164 -6.95 -17.92 -9.99
N LEU A 165 -8.12 -17.26 -10.16
CA LEU A 165 -8.58 -16.26 -9.19
C LEU A 165 -9.27 -16.92 -8.00
N LEU A 166 -10.16 -17.87 -8.27
CA LEU A 166 -10.93 -18.51 -7.21
C LEU A 166 -10.09 -19.12 -6.10
N PRO A 167 -8.96 -19.78 -6.37
CA PRO A 167 -8.13 -20.27 -5.25
C PRO A 167 -7.67 -19.17 -4.32
N TYR A 168 -7.46 -17.96 -4.83
CA TYR A 168 -7.09 -16.84 -3.95
C TYR A 168 -8.28 -16.37 -3.12
N TRP A 169 -9.43 -16.19 -3.76
CA TRP A 169 -10.65 -15.91 -3.00
C TRP A 169 -10.83 -16.93 -1.87
N ASN A 170 -10.76 -18.23 -2.21
CA ASN A 170 -11.03 -19.27 -1.23
C ASN A 170 -10.05 -19.25 -0.07
N GLU A 171 -8.76 -19.13 -0.36
CA GLU A 171 -7.76 -19.27 0.68
C GLU A 171 -7.46 -17.98 1.42
N ARG A 172 -7.59 -16.82 0.78
CA ARG A 172 -7.20 -15.59 1.46
C ARG A 172 -8.37 -14.64 1.65
N ILE A 173 -9.16 -14.37 0.63
CA ILE A 173 -10.15 -13.31 0.80
C ILE A 173 -11.33 -13.80 1.63
N ALA A 174 -12.00 -14.86 1.17
CA ALA A 174 -13.19 -15.39 1.84
C ALA A 174 -13.02 -15.70 3.33
N PRO A 175 -11.92 -16.30 3.80
CA PRO A 175 -11.77 -16.48 5.26
C PRO A 175 -11.75 -15.17 6.05
N GLU A 176 -11.21 -14.08 5.48
CA GLU A 176 -11.31 -12.81 6.20
C GLU A 176 -12.74 -12.29 6.23
N VAL A 177 -13.52 -12.54 5.17
CA VAL A 177 -14.92 -12.15 5.19
C VAL A 177 -15.67 -12.94 6.25
N LEU A 178 -15.40 -14.25 6.34
CA LEU A 178 -16.00 -15.09 7.37
C LEU A 178 -15.68 -14.57 8.76
N ARG A 179 -14.54 -13.88 8.88
CA ARG A 179 -14.02 -13.36 10.13
C ARG A 179 -14.77 -12.12 10.61
N GLY A 180 -15.51 -11.46 9.71
CA GLY A 180 -16.22 -10.23 10.01
C GLY A 180 -15.54 -8.96 9.56
N LYS A 181 -14.50 -9.05 8.78
CA LYS A 181 -13.75 -7.85 8.40
C LYS A 181 -14.39 -7.19 7.19
N THR A 182 -14.20 -5.87 7.09
CA THR A 182 -14.71 -5.11 5.96
C THR A 182 -13.61 -5.00 4.90
N ILE A 183 -13.89 -5.47 3.70
CA ILE A 183 -12.84 -5.71 2.72
C ILE A 183 -13.05 -4.89 1.46
N LEU A 184 -11.94 -4.39 0.91
CA LEU A 184 -11.88 -3.68 -0.36
C LEU A 184 -11.05 -4.49 -1.35
N ILE A 185 -11.60 -4.70 -2.54
CA ILE A 185 -10.87 -5.36 -3.61
C ILE A 185 -10.64 -4.33 -4.73
N SER A 186 -9.36 -4.00 -4.98
CA SER A 186 -8.97 -3.08 -6.05
C SER A 186 -8.41 -3.96 -7.17
N ALA A 187 -9.23 -4.21 -8.19
CA ALA A 187 -8.83 -5.12 -9.26
C ALA A 187 -9.08 -4.55 -10.65
N HIS A 188 -9.53 -5.38 -11.58
CA HIS A 188 -9.63 -4.97 -12.96
C HIS A 188 -10.98 -5.36 -13.53
N GLY A 189 -11.26 -4.86 -14.75
CA GLY A 189 -12.50 -5.18 -15.42
C GLY A 189 -12.83 -6.65 -15.44
N ASN A 190 -11.92 -7.48 -15.97
CA ASN A 190 -12.28 -8.88 -16.18
C ASN A 190 -11.99 -9.77 -14.96
N SER A 191 -10.99 -9.44 -14.14
CA SER A 191 -10.82 -10.21 -12.91
C SER A 191 -11.98 -9.96 -11.97
N SER A 192 -12.59 -8.76 -12.02
CA SER A 192 -13.81 -8.54 -11.23
C SER A 192 -15.01 -9.24 -11.83
N ARG A 193 -15.12 -9.27 -13.18
CA ARG A 193 -16.23 -10.00 -13.80
C ARG A 193 -16.18 -11.48 -13.45
N ALA A 194 -14.97 -12.05 -13.45
CA ALA A 194 -14.83 -13.45 -13.07
C ALA A 194 -15.31 -13.70 -11.64
N LEU A 195 -14.92 -12.82 -10.70
CA LEU A 195 -15.34 -13.01 -9.32
C LEU A 195 -16.84 -12.80 -9.18
N LEU A 196 -17.38 -11.81 -9.87
CA LEU A 196 -18.82 -11.60 -9.85
C LEU A 196 -19.55 -12.81 -10.41
N LYS A 197 -19.04 -13.39 -11.51
CA LYS A 197 -19.70 -14.56 -12.06
C LYS A 197 -19.79 -15.67 -11.02
N HIS A 198 -18.71 -15.91 -10.28
CA HIS A 198 -18.72 -16.98 -9.30
C HIS A 198 -19.71 -16.68 -8.18
N LEU A 199 -19.56 -15.51 -7.54
CA LEU A 199 -20.38 -15.17 -6.38
C LEU A 199 -21.87 -15.07 -6.73
N GLU A 200 -22.20 -14.66 -7.96
CA GLU A 200 -23.60 -14.46 -8.30
C GLU A 200 -24.21 -15.64 -9.03
N GLY A 201 -23.43 -16.69 -9.31
CA GLY A 201 -23.95 -17.80 -10.10
C GLY A 201 -24.44 -17.39 -11.47
N ILE A 202 -23.70 -16.52 -12.14
CA ILE A 202 -24.07 -16.05 -13.48
C ILE A 202 -23.66 -17.11 -14.49
N SER A 203 -24.53 -17.33 -15.48
CA SER A 203 -24.29 -18.37 -16.47
C SER A 203 -23.12 -18.00 -17.38
N ASP A 204 -22.56 -19.01 -18.03
CA ASP A 204 -21.59 -18.74 -19.10
C ASP A 204 -22.17 -17.77 -20.13
N GLU A 205 -23.48 -17.89 -20.42
CA GLU A 205 -24.08 -17.05 -21.44
C GLU A 205 -24.29 -15.62 -20.94
N ASP A 206 -24.72 -15.46 -19.70
CA ASP A 206 -25.09 -14.13 -19.26
C ASP A 206 -23.89 -13.25 -18.93
N ILE A 207 -22.76 -13.85 -18.55
CA ILE A 207 -21.62 -13.03 -18.13
C ILE A 207 -21.16 -12.12 -19.25
N ILE A 208 -21.45 -12.50 -20.51
CA ILE A 208 -21.15 -11.66 -21.67
C ILE A 208 -21.74 -10.28 -21.52
N ASN A 209 -22.89 -10.16 -20.86
CA ASN A 209 -23.59 -8.87 -20.85
C ASN A 209 -23.17 -7.95 -19.69
N ILE A 210 -22.23 -8.39 -18.85
CA ILE A 210 -21.77 -7.56 -17.72
C ILE A 210 -20.55 -6.76 -18.17
N THR A 211 -20.70 -5.44 -18.21
CA THR A 211 -19.57 -4.55 -18.44
C THR A 211 -19.41 -3.67 -17.21
N LEU A 212 -18.20 -3.58 -16.70
CA LEU A 212 -18.04 -2.84 -15.44
C LEU A 212 -17.48 -1.45 -15.70
N PRO A 213 -18.10 -0.40 -15.14
CA PRO A 213 -17.56 0.96 -15.33
C PRO A 213 -16.31 1.16 -14.50
N THR A 214 -15.43 2.01 -15.00
CA THR A 214 -14.15 2.28 -14.34
C THR A 214 -14.32 3.21 -13.14
N GLY A 215 -13.47 3.00 -12.14
CA GLY A 215 -13.44 3.87 -10.98
C GLY A 215 -14.78 4.08 -10.31
N VAL A 216 -15.53 3.01 -10.07
CA VAL A 216 -16.86 3.13 -9.44
C VAL A 216 -17.02 2.03 -8.40
N PRO A 217 -17.34 2.35 -7.15
CA PRO A 217 -17.46 1.29 -6.12
C PRO A 217 -18.60 0.32 -6.41
N ILE A 218 -18.32 -0.96 -6.26
CA ILE A 218 -19.28 -2.04 -6.49
C ILE A 218 -19.55 -2.70 -5.15
N LEU A 219 -20.77 -2.56 -4.65
CA LEU A 219 -21.17 -3.13 -3.37
C LEU A 219 -21.75 -4.53 -3.57
N LEU A 220 -21.21 -5.50 -2.85
CA LEU A 220 -21.65 -6.89 -2.94
C LEU A 220 -22.07 -7.37 -1.56
N GLU A 221 -23.29 -7.89 -1.46
CA GLU A 221 -23.83 -8.45 -0.24
C GLU A 221 -23.82 -9.97 -0.32
N LEU A 222 -23.36 -10.62 0.74
CA LEU A 222 -23.22 -12.07 0.74
C LEU A 222 -23.96 -12.67 1.94
N ASP A 223 -24.36 -13.93 1.77
CA ASP A 223 -25.07 -14.68 2.78
C ASP A 223 -24.06 -15.55 3.52
N GLU A 224 -24.56 -16.32 4.49
CA GLU A 224 -23.71 -17.11 5.37
C GLU A 224 -22.96 -18.21 4.63
N ASN A 225 -23.29 -18.48 3.36
CA ASN A 225 -22.51 -19.39 2.54
C ASN A 225 -21.70 -18.64 1.48
N LEU A 226 -21.56 -17.32 1.65
CA LEU A 226 -20.70 -16.48 0.78
C LEU A 226 -21.18 -16.50 -0.66
N ARG A 227 -22.50 -16.52 -0.85
CA ARG A 227 -23.07 -16.31 -2.17
C ARG A 227 -23.84 -14.99 -2.16
N ALA A 228 -23.97 -14.40 -3.33
CA ALA A 228 -24.58 -13.07 -3.41
C ALA A 228 -26.05 -13.13 -3.01
N VAL A 229 -26.51 -12.07 -2.36
CA VAL A 229 -27.90 -12.01 -1.93
C VAL A 229 -28.78 -11.43 -3.02
N GLY A 230 -28.27 -10.42 -3.72
CA GLY A 230 -28.88 -9.93 -4.92
C GLY A 230 -27.76 -9.61 -5.89
N PRO A 231 -28.08 -8.94 -7.00
CA PRO A 231 -27.04 -8.48 -7.93
C PRO A 231 -26.15 -7.42 -7.31
N HIS A 232 -24.91 -7.37 -7.78
CA HIS A 232 -24.00 -6.28 -7.41
C HIS A 232 -24.61 -4.92 -7.73
N GLN A 233 -24.28 -3.93 -6.93
CA GLN A 233 -24.81 -2.58 -7.07
C GLN A 233 -23.67 -1.59 -7.17
N PHE A 234 -23.87 -0.56 -7.97
CA PHE A 234 -22.91 0.53 -8.11
C PHE A 234 -23.24 1.65 -7.13
N LEU A 235 -22.21 2.25 -6.57
CA LEU A 235 -22.40 3.42 -5.70
C LEU A 235 -22.07 4.65 -6.52
N GLY A 236 -22.95 5.62 -6.49
CA GLY A 236 -22.82 6.81 -7.31
C GLY A 236 -24.04 7.01 -8.18
N ASP A 237 -24.00 8.09 -8.96
CA ASP A 237 -25.17 8.50 -9.73
C ASP A 237 -25.56 7.46 -10.79
N GLN A 238 -26.85 7.16 -10.83
CA GLN A 238 -27.34 6.04 -11.63
C GLN A 238 -27.22 6.32 -13.12
N GLU A 239 -27.46 7.55 -13.54
CA GLU A 239 -27.32 7.88 -14.96
C GLU A 239 -25.86 7.95 -15.37
N ALA A 240 -25.06 8.69 -14.60
CA ALA A 240 -23.66 8.85 -14.93
C ALA A 240 -22.96 7.51 -15.05
N ILE A 241 -23.39 6.54 -14.23
CA ILE A 241 -22.83 5.20 -14.29
C ILE A 241 -23.31 4.47 -15.55
N GLN A 242 -24.59 4.61 -15.89
CA GLN A 242 -25.06 3.99 -17.14
C GLN A 242 -24.35 4.57 -18.36
N ALA A 243 -24.10 5.88 -18.36
CA ALA A 243 -23.33 6.48 -19.45
C ALA A 243 -21.90 5.95 -19.47
N ALA A 244 -21.33 5.74 -18.28
CA ALA A 244 -19.97 5.22 -18.17
C ALA A 244 -19.85 3.79 -18.68
N ILE A 245 -20.90 2.97 -18.46
CA ILE A 245 -20.88 1.60 -18.97
C ILE A 245 -20.93 1.61 -20.50
N LYS A 246 -21.85 2.38 -21.07
CA LYS A 246 -21.95 2.50 -22.53
C LYS A 246 -20.62 2.91 -23.15
N LYS A 247 -19.85 3.73 -22.45
CA LYS A 247 -18.53 4.09 -22.98
C LYS A 247 -17.67 2.86 -23.19
N VAL A 248 -17.50 2.05 -22.13
CA VAL A 248 -16.64 0.87 -22.25
C VAL A 248 -17.14 -0.04 -23.36
N GLU A 249 -18.47 -0.17 -23.48
CA GLU A 249 -19.06 -0.96 -24.55
C GLU A 249 -18.68 -0.41 -25.93
N ASP A 250 -18.63 0.92 -26.05
CA ASP A 250 -18.44 1.56 -27.35
C ASP A 250 -16.99 1.50 -27.83
N GLN A 251 -16.03 1.22 -26.96
CA GLN A 251 -14.64 1.06 -27.39
C GLN A 251 -14.49 0.00 -28.48
N GLY A 252 -15.41 -0.97 -28.53
CA GLY A 252 -15.34 -2.03 -29.53
C GLY A 252 -16.34 -1.88 -30.67
N LYS A 253 -16.72 -0.64 -30.97
CA LYS A 253 -17.73 -0.36 -31.99
C LYS A 253 -17.20 0.65 -32.99
N VAL A 254 -17.51 0.43 -34.26
CA VAL A 254 -17.18 1.39 -35.31
C VAL A 254 -17.92 2.70 -35.11
N LYS B 3 26.97 -12.14 4.52
CA LYS B 3 26.36 -11.50 5.68
C LYS B 3 24.94 -11.01 5.38
N TYR B 4 24.59 -9.79 5.82
CA TYR B 4 23.24 -9.27 5.68
C TYR B 4 23.26 -7.76 5.52
N LYS B 5 22.37 -7.26 4.65
CA LYS B 5 22.18 -5.84 4.40
C LYS B 5 20.79 -5.43 4.88
N LEU B 6 20.70 -4.25 5.52
CA LEU B 6 19.46 -3.68 6.02
C LEU B 6 19.41 -2.19 5.67
N ILE B 7 18.24 -1.71 5.25
CA ILE B 7 18.06 -0.30 4.97
C ILE B 7 16.98 0.25 5.89
N MET B 8 17.32 1.31 6.59
CA MET B 8 16.47 2.07 7.51
C MET B 8 16.40 3.49 6.97
N LEU B 9 15.31 4.19 7.27
CA LEU B 9 15.29 5.62 6.93
C LEU B 9 14.20 6.32 7.70
N ARG B 10 14.17 7.64 7.52
CA ARG B 10 13.42 8.56 8.34
C ARG B 10 12.70 9.54 7.41
N HIS B 11 11.42 9.77 7.66
CA HIS B 11 10.64 10.60 6.74
C HIS B 11 11.14 12.04 6.72
N GLY B 12 10.64 12.81 5.74
CA GLY B 12 10.90 14.23 5.65
C GLY B 12 9.94 15.04 6.50
N GLU B 13 9.81 16.32 6.16
CA GLU B 13 9.16 17.30 7.01
C GLU B 13 7.67 17.48 6.70
N GLY B 14 6.96 18.01 7.68
CA GLY B 14 5.63 18.56 7.49
C GLY B 14 5.51 19.95 8.11
N ALA B 15 4.27 20.45 8.22
CA ALA B 15 4.07 21.82 8.67
C ALA B 15 4.58 22.02 10.10
N TRP B 16 4.28 21.08 10.99
CA TRP B 16 4.71 21.19 12.38
C TRP B 16 6.23 21.17 12.54
N ASN B 17 6.93 20.43 11.69
CA ASN B 17 8.39 20.47 11.74
C ASN B 17 8.93 21.81 11.25
N LYS B 18 8.10 22.59 10.52
CA LYS B 18 8.43 23.98 10.25
C LYS B 18 7.99 24.88 11.39
N GLU B 19 6.86 24.56 12.03
CA GLU B 19 6.41 25.30 13.20
C GLU B 19 7.15 24.90 14.46
N ASN B 20 8.27 24.19 14.33
CA ASN B 20 9.12 23.81 15.46
C ASN B 20 8.31 23.18 16.59
N ARG B 21 7.49 22.20 16.21
CA ARG B 21 6.58 21.58 17.20
C ARG B 21 6.80 20.08 17.28
N PHE B 22 6.11 19.47 18.26
CA PHE B 22 6.13 18.04 18.55
C PHE B 22 4.95 17.36 17.86
N CYS B 23 5.22 16.52 16.86
CA CYS B 23 4.15 15.70 16.30
C CYS B 23 3.89 14.47 17.17
N SER B 24 4.90 13.62 17.33
CA SER B 24 4.77 12.38 18.13
C SER B 24 3.65 11.53 17.53
N TRP B 25 2.72 11.02 18.33
CA TRP B 25 1.69 10.12 17.81
C TRP B 25 0.58 10.86 17.08
N VAL B 26 0.68 12.18 16.88
CA VAL B 26 -0.31 12.86 16.06
C VAL B 26 0.01 12.61 14.58
N ASP B 27 -1.01 12.26 13.82
CA ASP B 27 -0.85 11.79 12.43
C ASP B 27 -0.69 12.95 11.46
N GLN B 28 0.32 13.78 11.72
CA GLN B 28 0.64 14.89 10.84
C GLN B 28 1.20 14.38 9.51
N LYS B 29 0.75 15.02 8.41
CA LYS B 29 1.07 14.65 7.05
C LYS B 29 2.35 15.34 6.57
N LEU B 30 2.98 14.74 5.57
CA LEU B 30 4.13 15.37 4.96
C LEU B 30 3.68 16.64 4.26
N ASN B 31 4.62 17.58 4.09
CA ASN B 31 4.39 18.71 3.22
C ASN B 31 5.05 18.44 1.87
N SER B 32 5.06 19.45 1.01
CA SER B 32 5.53 19.27 -0.36
C SER B 32 6.98 18.79 -0.39
N GLU B 33 7.85 19.42 0.42
CA GLU B 33 9.24 18.98 0.43
C GLU B 33 9.38 17.65 1.14
N GLY B 34 8.57 17.44 2.19
CA GLY B 34 8.50 16.12 2.80
C GLY B 34 8.21 15.01 1.81
N MET B 35 7.33 15.27 0.84
CA MET B 35 7.06 14.25 -0.17
C MET B 35 8.18 14.19 -1.20
N GLU B 36 8.69 15.35 -1.63
CA GLU B 36 9.75 15.32 -2.64
C GLU B 36 11.03 14.72 -2.09
N GLU B 37 11.28 14.92 -0.79
CA GLU B 37 12.42 14.29 -0.13
C GLU B 37 12.33 12.77 -0.22
N ALA B 38 11.20 12.18 0.19
CA ALA B 38 11.00 10.75 0.00
C ALA B 38 11.13 10.38 -1.47
N ARG B 39 10.58 11.22 -2.36
CA ARG B 39 10.69 10.95 -3.79
C ARG B 39 12.14 10.93 -4.23
N ASN B 40 12.91 11.95 -3.83
CA ASN B 40 14.33 11.98 -4.16
C ASN B 40 15.05 10.79 -3.55
N CYS B 41 14.67 10.42 -2.33
CA CYS B 41 15.27 9.26 -1.66
C CYS B 41 15.00 7.98 -2.44
N GLY B 42 13.80 7.86 -3.04
CA GLY B 42 13.53 6.73 -3.90
C GLY B 42 14.36 6.74 -5.18
N LYS B 43 14.57 7.93 -5.74
CA LYS B 43 15.46 8.06 -6.90
C LYS B 43 16.88 7.58 -6.58
N GLN B 44 17.36 7.85 -5.35
CA GLN B 44 18.73 7.45 -5.00
C GLN B 44 18.88 5.95 -4.82
N LEU B 45 17.87 5.28 -4.22
CA LEU B 45 17.92 3.83 -4.12
C LEU B 45 17.75 3.17 -5.49
N LYS B 46 17.02 3.80 -6.40
CA LYS B 46 16.95 3.25 -7.75
C LYS B 46 18.31 3.40 -8.45
N ALA B 47 18.91 4.60 -8.39
CA ALA B 47 20.23 4.80 -8.98
C ALA B 47 21.26 3.85 -8.37
N LEU B 48 20.96 3.26 -7.22
CA LEU B 48 21.79 2.24 -6.60
C LEU B 48 21.29 0.83 -6.85
N ASN B 49 20.33 0.66 -7.75
CA ASN B 49 19.83 -0.68 -8.16
C ASN B 49 19.31 -1.48 -6.96
N PHE B 50 18.68 -0.80 -6.00
CA PHE B 50 18.13 -1.49 -4.84
C PHE B 50 16.82 -2.19 -5.19
N GLU B 51 16.64 -3.40 -4.65
CA GLU B 51 15.51 -4.28 -4.98
C GLU B 51 15.00 -4.95 -3.70
N PHE B 52 13.96 -4.37 -3.10
CA PHE B 52 13.47 -4.80 -1.79
C PHE B 52 12.48 -5.95 -1.91
N ASP B 53 12.34 -6.70 -0.81
CA ASP B 53 11.38 -7.78 -0.72
C ASP B 53 10.29 -7.55 0.31
N LEU B 54 10.46 -6.57 1.19
CA LEU B 54 9.53 -6.39 2.28
C LEU B 54 9.78 -5.02 2.88
N VAL B 55 8.73 -4.26 3.12
CA VAL B 55 8.93 -3.00 3.82
C VAL B 55 8.13 -3.02 5.11
N PHE B 56 8.65 -2.30 6.11
CA PHE B 56 8.06 -2.16 7.44
C PHE B 56 7.91 -0.69 7.75
N THR B 57 6.78 -0.30 8.32
CA THR B 57 6.51 1.09 8.64
C THR B 57 5.87 1.18 10.03
N SER B 58 5.69 2.40 10.51
CA SER B 58 4.83 2.65 11.65
C SER B 58 3.38 2.74 11.14
N VAL B 59 2.43 3.11 12.02
CA VAL B 59 1.06 3.32 11.57
C VAL B 59 0.76 4.79 11.34
N LEU B 60 1.76 5.65 11.37
CA LEU B 60 1.55 7.07 11.08
C LEU B 60 1.77 7.33 9.61
N ASN B 61 0.88 8.13 9.00
CA ASN B 61 0.91 8.22 7.53
C ASN B 61 2.19 8.86 7.01
N ARG B 62 2.84 9.75 7.79
CA ARG B 62 4.07 10.33 7.28
C ARG B 62 5.10 9.25 6.99
N SER B 63 5.05 8.15 7.74
CA SER B 63 5.93 7.02 7.50
C SER B 63 5.43 6.14 6.35
N ILE B 64 4.11 6.05 6.16
CA ILE B 64 3.59 5.16 5.12
C ILE B 64 3.69 5.82 3.75
N HIS B 65 3.24 7.07 3.62
CA HIS B 65 3.44 7.79 2.35
C HIS B 65 4.89 7.69 1.91
N THR B 66 5.83 7.86 2.86
CA THR B 66 7.24 7.81 2.52
C THR B 66 7.59 6.48 1.86
N ALA B 67 7.16 5.39 2.47
CA ALA B 67 7.38 4.09 1.87
C ALA B 67 6.73 4.01 0.50
N TRP B 68 5.54 4.63 0.35
CA TRP B 68 4.79 4.49 -0.91
C TRP B 68 5.48 5.27 -2.03
N LEU B 69 5.88 6.50 -1.75
CA LEU B 69 6.58 7.30 -2.74
C LEU B 69 7.88 6.62 -3.17
N ILE B 70 8.62 6.06 -2.20
CA ILE B 70 9.84 5.33 -2.52
C ILE B 70 9.54 4.14 -3.41
N LEU B 71 8.48 3.38 -3.10
CA LEU B 71 8.18 2.22 -3.94
C LEU B 71 7.76 2.65 -5.34
N GLU B 72 7.08 3.78 -5.47
CA GLU B 72 6.75 4.28 -6.81
C GLU B 72 8.01 4.63 -7.60
N GLU B 73 8.95 5.38 -6.99
CA GLU B 73 10.19 5.71 -7.71
C GLU B 73 10.89 4.44 -8.16
N LEU B 74 10.84 3.38 -7.32
CA LEU B 74 11.49 2.12 -7.62
C LEU B 74 10.72 1.27 -8.62
N GLY B 75 9.47 1.61 -8.93
CA GLY B 75 8.62 0.67 -9.66
C GLY B 75 8.43 -0.62 -8.91
N GLN B 76 8.35 -0.55 -7.58
CA GLN B 76 8.27 -1.74 -6.74
C GLN B 76 7.05 -1.68 -5.83
N GLU B 77 5.95 -1.11 -6.34
CA GLU B 77 4.74 -0.95 -5.53
C GLU B 77 4.15 -2.29 -5.08
N TRP B 78 4.53 -3.39 -5.73
CA TRP B 78 3.98 -4.69 -5.42
C TRP B 78 4.67 -5.34 -4.23
N VAL B 79 5.73 -4.74 -3.71
CA VAL B 79 6.45 -5.33 -2.58
C VAL B 79 5.59 -5.25 -1.33
N PRO B 80 5.47 -6.33 -0.55
CA PRO B 80 4.62 -6.30 0.66
C PRO B 80 5.04 -5.21 1.66
N VAL B 81 4.04 -4.47 2.14
CA VAL B 81 4.18 -3.48 3.19
C VAL B 81 3.54 -4.04 4.46
N GLU B 82 4.15 -3.72 5.60
CA GLU B 82 3.63 -4.10 6.92
C GLU B 82 3.84 -2.93 7.88
N SER B 83 2.78 -2.54 8.58
CA SER B 83 2.78 -1.38 9.46
C SER B 83 2.54 -1.83 10.89
N SER B 84 3.08 -1.08 11.85
CA SER B 84 2.95 -1.44 13.25
C SER B 84 3.25 -0.24 14.13
N TRP B 85 2.36 0.05 15.08
CA TRP B 85 2.59 1.11 16.07
C TRP B 85 3.93 0.98 16.77
N ARG B 86 4.48 -0.23 16.89
CA ARG B 86 5.75 -0.41 17.57
C ARG B 86 6.92 0.30 16.88
N LEU B 87 6.74 0.78 15.65
CA LEU B 87 7.70 1.67 15.00
C LEU B 87 7.30 3.13 15.11
N ASN B 88 6.23 3.44 15.83
CA ASN B 88 5.80 4.83 15.97
C ASN B 88 6.94 5.70 16.50
N GLU B 89 6.90 6.98 16.15
CA GLU B 89 7.66 8.02 16.80
C GLU B 89 7.53 7.92 18.32
N ARG B 90 8.42 8.58 19.06
CA ARG B 90 8.32 8.56 20.51
C ARG B 90 7.04 9.25 20.96
N HIS B 91 6.44 8.74 22.02
CA HIS B 91 5.25 9.36 22.60
C HIS B 91 5.67 10.48 23.55
N TYR B 92 5.46 11.74 23.15
CA TYR B 92 5.95 12.89 23.90
C TYR B 92 4.99 13.37 25.00
N GLY B 93 3.94 12.61 25.29
CA GLY B 93 3.02 12.97 26.36
C GLY B 93 2.45 14.37 26.21
N ALA B 94 2.35 15.08 27.35
CA ALA B 94 1.75 16.40 27.37
C ALA B 94 2.53 17.40 26.51
N LEU B 95 3.79 17.10 26.20
CA LEU B 95 4.53 17.96 25.29
C LEU B 95 3.95 17.97 23.88
N ILE B 96 3.12 16.98 23.53
CA ILE B 96 2.62 16.84 22.16
C ILE B 96 1.90 18.12 21.74
N GLY B 97 2.23 18.61 20.56
CA GLY B 97 1.57 19.78 20.02
C GLY B 97 2.07 21.12 20.53
N LEU B 98 2.75 21.15 21.68
CA LEU B 98 3.22 22.42 22.23
C LEU B 98 4.37 22.98 21.41
N ASN B 99 4.45 24.32 21.36
CA ASN B 99 5.58 24.98 20.72
C ASN B 99 6.86 24.67 21.47
N ARG B 100 7.95 24.48 20.72
CA ARG B 100 9.22 24.13 21.37
C ARG B 100 9.80 25.32 22.10
N GLU B 101 9.80 26.50 21.48
CA GLU B 101 10.31 27.69 22.14
C GLU B 101 9.43 28.08 23.31
N GLN B 102 8.10 28.15 23.10
CA GLN B 102 7.21 28.48 24.20
C GLN B 102 7.40 27.53 25.38
N MET B 103 7.72 26.27 25.13
CA MET B 103 8.06 25.38 26.23
C MET B 103 9.36 25.80 26.90
N ALA B 104 10.31 26.28 26.11
CA ALA B 104 11.61 26.70 26.65
C ALA B 104 11.46 27.88 27.61
N LEU B 105 10.45 28.73 27.40
CA LEU B 105 10.21 29.85 28.31
C LEU B 105 9.35 29.45 29.51
N ASN B 106 8.49 28.44 29.35
CA ASN B 106 7.71 27.91 30.47
C ASN B 106 8.62 27.20 31.48
N HIS B 107 9.36 26.18 31.02
CA HIS B 107 10.08 25.27 31.92
C HIS B 107 11.60 25.38 31.84
N GLY B 108 12.15 26.10 30.86
CA GLY B 108 13.58 26.34 30.86
C GLY B 108 14.36 25.52 29.85
N GLU B 109 15.32 26.18 29.21
CA GLU B 109 16.22 25.52 28.26
C GLU B 109 16.66 24.14 28.75
N GLU B 110 17.24 24.08 29.95
CA GLU B 110 17.91 22.86 30.38
C GLU B 110 16.94 21.70 30.55
N GLN B 111 15.68 21.98 30.94
CA GLN B 111 14.74 20.88 31.16
C GLN B 111 14.17 20.36 29.85
N VAL B 112 13.79 21.27 28.94
CA VAL B 112 13.27 20.83 27.65
C VAL B 112 14.35 20.08 26.89
N ARG B 113 15.59 20.57 26.95
CA ARG B 113 16.72 19.87 26.34
C ARG B 113 16.83 18.45 26.87
N LEU B 114 16.61 18.24 28.16
CA LEU B 114 16.76 16.92 28.73
C LEU B 114 15.61 16.00 28.35
N TRP B 115 14.41 16.54 28.18
CA TRP B 115 13.30 15.73 27.71
C TRP B 115 13.58 15.18 26.30
N ARG B 116 14.20 15.99 25.44
CA ARG B 116 14.35 15.64 24.04
C ARG B 116 15.60 14.80 23.74
N ARG B 117 16.64 14.90 24.56
CA ARG B 117 17.93 14.29 24.19
C ARG B 117 18.31 13.13 25.10
N SER B 118 17.75 13.05 26.31
CA SER B 118 18.14 12.01 27.25
C SER B 118 17.78 10.63 26.72
N TYR B 119 18.23 9.61 27.47
CA TYR B 119 17.88 8.25 27.17
C TYR B 119 16.84 7.66 28.12
N ASN B 120 16.77 8.13 29.36
CA ASN B 120 16.03 7.45 30.42
C ASN B 120 14.92 8.29 31.04
N VAL B 121 14.66 9.49 30.54
CA VAL B 121 13.69 10.39 31.15
C VAL B 121 12.35 10.28 30.42
N THR B 122 11.28 9.97 31.18
CA THR B 122 9.93 9.97 30.64
C THR B 122 9.32 11.37 30.79
N PRO B 123 8.80 11.94 29.71
CA PRO B 123 8.15 13.27 29.80
C PRO B 123 6.85 13.18 30.57
N PRO B 124 6.19 14.31 30.84
CA PRO B 124 4.89 14.26 31.53
C PRO B 124 3.86 13.54 30.69
N PRO B 125 3.05 12.68 31.31
CA PRO B 125 2.01 11.97 30.55
C PRO B 125 1.01 12.93 29.90
N ILE B 126 0.52 12.52 28.73
CA ILE B 126 -0.62 13.21 28.13
C ILE B 126 -1.86 12.90 28.93
N GLU B 127 -2.72 13.89 29.10
CA GLU B 127 -3.92 13.75 29.91
C GLU B 127 -5.16 14.06 29.07
N GLU B 128 -6.29 13.46 29.47
CA GLU B 128 -7.53 13.59 28.69
C GLU B 128 -7.93 15.04 28.45
N SER B 129 -7.35 15.98 29.19
CA SER B 129 -7.59 17.39 28.90
C SER B 129 -6.75 17.87 27.72
N HIS B 130 -5.70 17.14 27.35
CA HIS B 130 -4.82 17.60 26.29
C HIS B 130 -5.60 17.81 24.99
N PRO B 131 -5.32 18.87 24.24
CA PRO B 131 -6.09 19.13 23.00
C PRO B 131 -6.05 18.00 21.96
N TYR B 132 -5.14 17.01 22.08
CA TYR B 132 -5.04 15.93 21.11
C TYR B 132 -5.23 14.55 21.73
N TYR B 133 -5.68 14.47 22.99
CA TYR B 133 -5.81 13.16 23.61
C TYR B 133 -6.77 12.28 22.83
N GLN B 134 -7.90 12.83 22.39
CA GLN B 134 -8.92 11.99 21.78
C GLN B 134 -8.57 11.64 20.34
N GLU B 135 -7.92 12.55 19.61
CA GLU B 135 -7.42 12.27 18.26
C GLU B 135 -6.49 11.06 18.24
N ILE B 136 -5.91 10.67 19.37
CA ILE B 136 -4.95 9.57 19.42
C ILE B 136 -5.64 8.31 19.90
N TYR B 137 -6.14 8.33 21.14
CA TYR B 137 -6.64 7.11 21.77
C TYR B 137 -8.03 6.69 21.29
N ASN B 138 -8.73 7.52 20.53
CA ASN B 138 -9.96 7.05 19.92
C ASN B 138 -9.77 6.55 18.50
N ASP B 139 -8.61 6.77 17.89
CA ASP B 139 -8.39 6.35 16.50
C ASP B 139 -8.47 4.83 16.40
N ARG B 140 -9.17 4.35 15.38
CA ARG B 140 -9.41 2.92 15.21
C ARG B 140 -8.11 2.14 14.99
N ARG B 141 -7.05 2.77 14.48
CA ARG B 141 -5.82 2.06 14.24
C ARG B 141 -5.17 1.54 15.51
N TYR B 142 -5.56 2.01 16.69
CA TYR B 142 -5.05 1.40 17.91
C TYR B 142 -6.04 0.44 18.55
N LYS B 143 -7.31 0.48 18.15
CA LYS B 143 -8.28 -0.45 18.71
C LYS B 143 -8.09 -1.86 18.18
N VAL B 144 -7.16 -2.05 17.25
CA VAL B 144 -7.03 -3.30 16.50
C VAL B 144 -5.58 -3.78 16.55
N CYS B 145 -4.81 -3.30 17.53
CA CYS B 145 -3.40 -3.63 17.64
C CYS B 145 -3.16 -4.70 18.70
N ASP B 146 -1.89 -5.11 18.83
CA ASP B 146 -1.54 -6.33 19.57
C ASP B 146 -1.55 -6.14 21.08
N VAL B 147 -1.90 -4.96 21.58
CA VAL B 147 -2.07 -4.77 23.02
C VAL B 147 -3.30 -3.91 23.26
N PRO B 148 -3.94 -4.13 24.40
CA PRO B 148 -5.12 -3.32 24.75
C PRO B 148 -4.85 -1.83 24.65
N LEU B 149 -5.92 -1.08 24.40
CA LEU B 149 -5.79 0.36 24.19
C LEU B 149 -5.30 1.08 25.45
N ASP B 150 -5.80 0.66 26.62
CA ASP B 150 -5.39 1.29 27.87
C ASP B 150 -3.93 0.99 28.21
N GLN B 151 -3.41 -0.14 27.74
CA GLN B 151 -2.04 -0.54 28.05
C GLN B 151 -1.01 0.19 27.20
N LEU B 152 -1.41 0.82 26.10
CA LEU B 152 -0.49 1.60 25.30
C LEU B 152 -0.01 2.83 26.07
N PRO B 153 1.25 3.23 25.86
CA PRO B 153 1.84 4.26 26.72
C PRO B 153 1.25 5.65 26.52
N ARG B 154 1.28 6.44 27.60
CA ARG B 154 0.84 7.83 27.57
C ARG B 154 2.01 8.80 27.57
N SER B 155 3.24 8.30 27.61
CA SER B 155 4.49 9.02 27.39
C SER B 155 5.60 7.97 27.44
N GLU B 156 6.74 8.30 26.84
CA GLU B 156 7.81 7.32 26.67
C GLU B 156 9.18 7.99 26.79
N SER B 157 10.09 7.34 27.49
CA SER B 157 11.48 7.69 27.35
C SER B 157 12.01 7.11 26.05
N LEU B 158 13.15 7.63 25.60
CA LEU B 158 13.82 6.96 24.49
C LEU B 158 14.06 5.49 24.80
N LYS B 159 14.24 5.13 26.08
CA LYS B 159 14.43 3.73 26.42
C LYS B 159 13.13 2.95 26.27
N ASP B 160 11.99 3.58 26.57
CA ASP B 160 10.71 2.92 26.36
C ASP B 160 10.47 2.60 24.89
N VAL B 161 10.94 3.47 23.99
CA VAL B 161 10.80 3.21 22.55
C VAL B 161 11.46 1.89 22.20
N LEU B 162 12.70 1.69 22.64
CA LEU B 162 13.42 0.45 22.33
C LEU B 162 12.70 -0.77 22.89
N GLU B 163 12.16 -0.66 24.10
CA GLU B 163 11.53 -1.81 24.73
C GLU B 163 10.25 -2.22 24.02
N ARG B 164 9.51 -1.27 23.44
CA ARG B 164 8.33 -1.65 22.68
C ARG B 164 8.69 -2.05 21.26
N LEU B 165 9.79 -1.51 20.73
CA LEU B 165 10.26 -1.86 19.38
C LEU B 165 10.89 -3.25 19.32
N LEU B 166 11.72 -3.60 20.30
CA LEU B 166 12.51 -4.83 20.21
C LEU B 166 11.69 -6.10 19.99
N PRO B 167 10.53 -6.31 20.66
CA PRO B 167 9.74 -7.51 20.35
C PRO B 167 9.37 -7.60 18.87
N TYR B 168 8.92 -6.48 18.30
CA TYR B 168 8.59 -6.45 16.88
C TYR B 168 9.81 -6.80 16.04
N TRP B 169 10.98 -6.27 16.40
CA TRP B 169 12.19 -6.63 15.68
C TRP B 169 12.51 -8.10 15.85
N ASN B 170 12.48 -8.58 17.10
CA ASN B 170 12.82 -9.98 17.35
C ASN B 170 11.82 -10.91 16.68
N GLU B 171 10.53 -10.62 16.84
CA GLU B 171 9.48 -11.55 16.41
C GLU B 171 9.12 -11.42 14.93
N ARG B 172 9.08 -10.21 14.39
CA ARG B 172 8.60 -10.03 13.02
C ARG B 172 9.73 -9.77 12.02
N ILE B 173 10.62 -8.82 12.31
CA ILE B 173 11.55 -8.35 11.28
C ILE B 173 12.73 -9.28 11.14
N ALA B 174 13.47 -9.49 12.23
CA ALA B 174 14.71 -10.26 12.16
C ALA B 174 14.56 -11.63 11.50
N PRO B 175 13.51 -12.42 11.77
CA PRO B 175 13.36 -13.69 11.03
C PRO B 175 13.32 -13.52 9.52
N GLU B 176 12.92 -12.36 9.01
CA GLU B 176 12.94 -12.17 7.56
C GLU B 176 14.31 -11.70 7.09
N VAL B 177 15.02 -10.92 7.91
CA VAL B 177 16.41 -10.64 7.59
C VAL B 177 17.18 -11.94 7.43
N LEU B 178 16.88 -12.92 8.28
CA LEU B 178 17.60 -14.19 8.25
C LEU B 178 17.27 -15.00 6.99
N ARG B 179 16.04 -14.92 6.48
CA ARG B 179 15.68 -15.65 5.27
C ARG B 179 16.30 -15.09 4.00
N GLY B 180 17.05 -14.01 4.08
CA GLY B 180 17.68 -13.44 2.90
C GLY B 180 16.93 -12.33 2.22
N LYS B 181 15.88 -11.79 2.82
CA LYS B 181 15.10 -10.74 2.19
C LYS B 181 15.79 -9.40 2.35
N THR B 182 15.79 -8.60 1.28
CA THR B 182 16.22 -7.21 1.37
C THR B 182 15.06 -6.39 1.93
N ILE B 183 15.22 -5.88 3.15
CA ILE B 183 14.14 -5.23 3.88
C ILE B 183 14.35 -3.71 3.92
N LEU B 184 13.25 -2.97 3.86
CA LEU B 184 13.25 -1.53 4.09
C LEU B 184 12.46 -1.23 5.36
N ILE B 185 13.01 -0.36 6.21
CA ILE B 185 12.32 0.10 7.40
C ILE B 185 12.11 1.60 7.27
N SER B 186 10.88 2.01 6.99
CA SER B 186 10.54 3.43 6.90
C SER B 186 9.93 3.82 8.24
N ALA B 187 10.74 4.47 9.08
CA ALA B 187 10.29 4.78 10.44
C ALA B 187 10.57 6.23 10.80
N HIS B 188 10.90 6.47 12.07
CA HIS B 188 10.97 7.81 12.64
C HIS B 188 12.32 8.01 13.32
N GLY B 189 12.62 9.26 13.65
CA GLY B 189 13.93 9.55 14.26
C GLY B 189 14.19 8.73 15.51
N ASN B 190 13.30 8.79 16.48
CA ASN B 190 13.52 8.05 17.73
C ASN B 190 13.45 6.55 17.52
N SER B 191 12.48 6.06 16.73
CA SER B 191 12.36 4.62 16.61
C SER B 191 13.53 4.05 15.82
N SER B 192 14.07 4.82 14.88
CA SER B 192 15.30 4.39 14.22
C SER B 192 16.51 4.47 15.15
N ARG B 193 16.52 5.43 16.08
CA ARG B 193 17.62 5.51 17.05
C ARG B 193 17.64 4.30 17.97
N ALA B 194 16.48 3.74 18.30
CA ALA B 194 16.48 2.63 19.23
C ALA B 194 17.00 1.35 18.58
N LEU B 195 16.62 1.11 17.32
CA LEU B 195 17.07 -0.10 16.63
C LEU B 195 18.55 -0.06 16.33
N LEU B 196 19.08 1.13 16.02
CA LEU B 196 20.51 1.28 15.84
C LEU B 196 21.24 1.00 17.15
N LYS B 197 20.76 1.59 18.24
CA LYS B 197 21.41 1.34 19.53
C LYS B 197 21.50 -0.15 19.79
N HIS B 198 20.41 -0.88 19.51
CA HIS B 198 20.42 -2.31 19.74
C HIS B 198 21.37 -3.02 18.77
N LEU B 199 21.31 -2.69 17.49
CA LEU B 199 22.05 -3.47 16.50
C LEU B 199 23.54 -3.17 16.53
N GLU B 200 23.90 -1.90 16.71
CA GLU B 200 25.30 -1.51 16.83
C GLU B 200 25.84 -1.75 18.22
N GLY B 201 24.99 -1.75 19.24
CA GLY B 201 25.44 -1.86 20.61
C GLY B 201 25.73 -0.54 21.26
N ILE B 202 25.15 0.56 20.77
CA ILE B 202 25.45 1.87 21.31
C ILE B 202 25.05 1.95 22.77
N SER B 203 25.81 2.72 23.55
CA SER B 203 25.59 2.90 24.97
C SER B 203 24.51 3.94 25.22
N ASP B 204 24.00 3.95 26.46
CA ASP B 204 23.06 4.99 26.87
C ASP B 204 23.64 6.39 26.76
N GLU B 205 24.95 6.52 26.47
CA GLU B 205 25.62 7.81 26.41
C GLU B 205 25.88 8.28 24.98
N ASP B 206 26.39 7.39 24.11
CA ASP B 206 26.58 7.76 22.72
C ASP B 206 25.24 7.96 22.01
N ILE B 207 24.25 7.12 22.32
CA ILE B 207 22.97 7.14 21.62
C ILE B 207 22.32 8.50 21.73
N ILE B 208 22.62 9.21 22.81
CA ILE B 208 21.98 10.48 23.12
C ILE B 208 22.48 11.57 22.17
N ASN B 209 23.67 11.40 21.56
CA ASN B 209 24.24 12.38 20.64
C ASN B 209 24.21 11.96 19.18
N ILE B 210 23.79 10.72 18.89
CA ILE B 210 23.69 10.27 17.52
C ILE B 210 22.63 11.07 16.79
N THR B 211 23.01 11.68 15.67
CA THR B 211 22.10 12.47 14.84
C THR B 211 21.89 11.77 13.49
N LEU B 212 20.63 11.53 13.14
CA LEU B 212 20.28 10.84 11.90
C LEU B 212 19.51 11.76 10.96
N PRO B 213 20.00 11.99 9.75
CA PRO B 213 19.34 12.92 8.83
C PRO B 213 18.09 12.30 8.24
N THR B 214 17.24 13.15 7.66
CA THR B 214 16.01 12.69 7.02
C THR B 214 16.21 12.56 5.51
N GLY B 215 15.42 11.67 4.90
CA GLY B 215 15.48 11.50 3.47
C GLY B 215 16.71 10.79 2.96
N VAL B 216 17.41 10.06 3.82
CA VAL B 216 18.69 9.47 3.48
C VAL B 216 18.68 7.98 3.79
N PRO B 217 18.92 7.12 2.83
CA PRO B 217 19.03 5.68 3.12
C PRO B 217 20.18 5.40 4.07
N ILE B 218 19.91 4.62 5.10
CA ILE B 218 20.86 4.31 6.14
C ILE B 218 21.11 2.82 6.10
N LEU B 219 22.30 2.43 5.62
CA LEU B 219 22.65 1.03 5.47
C LEU B 219 23.28 0.53 6.76
N LEU B 220 22.88 -0.68 7.15
CA LEU B 220 23.47 -1.36 8.29
C LEU B 220 23.83 -2.77 7.85
N GLU B 221 25.09 -3.12 8.03
CA GLU B 221 25.59 -4.44 7.65
C GLU B 221 25.69 -5.30 8.90
N LEU B 222 25.12 -6.50 8.82
CA LEU B 222 25.03 -7.40 9.96
C LEU B 222 25.69 -8.74 9.64
N ASP B 223 25.95 -9.50 10.70
CA ASP B 223 26.42 -10.88 10.64
C ASP B 223 25.23 -11.82 10.92
N GLU B 224 25.50 -13.12 11.06
CA GLU B 224 24.38 -14.02 11.30
C GLU B 224 23.85 -13.96 12.73
N ASN B 225 24.55 -13.33 13.66
CA ASN B 225 23.91 -13.00 14.91
C ASN B 225 23.23 -11.64 14.85
N LEU B 226 23.20 -11.03 13.66
CA LEU B 226 22.47 -9.79 13.41
C LEU B 226 23.00 -8.63 14.26
N ARG B 227 24.28 -8.69 14.63
CA ARG B 227 24.93 -7.52 15.19
C ARG B 227 25.68 -6.80 14.07
N ALA B 228 25.78 -5.49 14.20
CA ALA B 228 26.38 -4.67 13.15
C ALA B 228 27.83 -5.11 12.88
N VAL B 229 28.18 -5.16 11.59
CA VAL B 229 29.57 -5.42 11.21
C VAL B 229 30.38 -4.13 11.24
N GLY B 230 29.71 -2.99 11.23
CA GLY B 230 30.37 -1.72 11.38
C GLY B 230 29.36 -0.67 11.75
N PRO B 231 29.78 0.59 11.78
CA PRO B 231 28.82 1.67 12.04
C PRO B 231 27.85 1.82 10.87
N HIS B 232 26.64 2.30 11.18
CA HIS B 232 25.69 2.61 10.13
C HIS B 232 26.30 3.61 9.14
N GLN B 233 25.96 3.45 7.86
CA GLN B 233 26.48 4.28 6.79
C GLN B 233 25.34 4.92 6.01
N PHE B 234 25.52 6.16 5.60
CA PHE B 234 24.57 6.84 4.73
C PHE B 234 24.93 6.61 3.27
N LEU B 235 23.91 6.45 2.42
CA LEU B 235 24.08 6.22 0.99
C LEU B 235 23.59 7.43 0.21
N GLY B 236 24.18 7.62 -0.99
CA GLY B 236 24.09 8.86 -1.73
C GLY B 236 25.32 9.74 -1.50
N ASP B 237 25.12 11.07 -1.38
CA ASP B 237 26.19 11.99 -0.97
C ASP B 237 25.69 13.42 -0.87
N GLN B 238 26.65 14.35 -0.73
CA GLN B 238 26.45 15.80 -0.70
C GLN B 238 25.13 16.24 -0.07
N GLU B 239 25.07 16.16 1.25
CA GLU B 239 24.08 16.87 2.04
C GLU B 239 24.78 17.42 3.27
N ALA B 240 24.16 18.42 3.89
CA ALA B 240 24.75 18.98 5.10
C ALA B 240 23.75 18.90 6.24
N ILE B 241 24.03 19.64 7.33
CA ILE B 241 23.16 19.73 8.51
C ILE B 241 22.58 18.39 8.93
C1 3PG C . -7.35 -4.16 -20.67
O1 3PG C . -6.91 -5.28 -20.31
O2 3PG C . -6.75 -3.47 -21.51
C2 3PG C . -8.66 -3.68 -20.09
O3 3PG C . -8.59 -3.55 -18.69
C3 3PG C . -9.62 -4.74 -20.52
O1P 3PG C . -10.12 -4.30 -21.74
P 3PG C . -11.60 -4.70 -22.02
O2P 3PG C . -12.52 -4.00 -21.05
O3P 3PG C . -11.70 -6.20 -21.81
O4P 3PG C . -11.95 -4.34 -23.45
P PGA D . -0.06 8.52 -6.04
O1P PGA D . -0.30 7.59 -4.67
O2P PGA D . -0.65 9.91 -5.79
O3P PGA D . 1.42 8.70 -6.32
O4P PGA D . -0.73 7.83 -7.23
C2 PGA D . 0.01 8.10 -3.40
C1 PGA D . 1.53 8.12 -3.20
O1 PGA D . 2.00 8.81 -2.25
O2 PGA D . 2.32 7.46 -3.96
P PGA E . 12.13 15.03 17.37
O1P PGA E . 10.49 15.22 17.33
O2P PGA E . 12.76 16.38 17.59
O3P PGA E . 12.60 14.47 16.04
O4P PGA E . 12.49 14.13 18.54
C2 PGA E . 9.69 14.17 16.84
C1 PGA E . 8.27 14.74 16.73
O1 PGA E . 8.09 15.89 16.26
O2 PGA E . 7.29 14.06 17.11
#